data_5L8T
#
_entry.id   5L8T
#
_cell.length_a   80.827
_cell.length_b   96.382
_cell.length_c   57.663
_cell.angle_alpha   90.000
_cell.angle_beta   90.000
_cell.angle_gamma   90.000
#
_symmetry.space_group_name_H-M   'C 2 2 21'
#
loop_
_entity.id
_entity.type
_entity.pdbx_description
1 polymer 'Bromodomain adjacent to zinc finger domain protein 2B'
2 non-polymer ~{N}-[(3~{R})-1,1-bis(oxidanylidene)thian-3-yl]-2-methyl-pyridin-3-amine
3 water water
#
_entity_poly.entity_id   1
_entity_poly.type   'polypeptide(L)'
_entity_poly.pdbx_seq_one_letter_code
;SMSVKKPKRDDSKDLALCSMILTEMETHEDAWPFLLPVNLKLVPGYKKVIKKPMDFSTIREKLSSGQYPNLETFALDVRL
VFDNCETFNEDDSDIGRAGHNMRKYFEKKWTDTFKV
;
_entity_poly.pdbx_strand_id   A
#
# COMPACT_ATOMS: atom_id res chain seq x y z
N SER A 1 -13.97 -24.47 -12.94
CA SER A 1 -13.52 -24.59 -14.32
C SER A 1 -14.65 -24.21 -15.27
N MET A 2 -14.54 -24.60 -16.54
CA MET A 2 -15.55 -24.20 -17.53
C MET A 2 -16.96 -24.65 -17.13
N SER A 3 -17.84 -23.67 -16.92
CA SER A 3 -19.23 -23.90 -16.53
C SER A 3 -19.34 -24.51 -15.13
N VAL A 4 -18.27 -24.39 -14.36
CA VAL A 4 -18.28 -24.81 -12.94
C VAL A 4 -17.86 -23.60 -12.12
N LYS A 5 -18.86 -22.89 -11.61
CA LYS A 5 -18.69 -21.58 -11.02
C LYS A 5 -18.58 -21.68 -9.50
N LYS A 6 -17.56 -21.02 -8.94
CA LYS A 6 -17.44 -20.93 -7.49
C LYS A 6 -18.29 -19.76 -7.02
N PRO A 7 -18.95 -19.91 -5.87
CA PRO A 7 -19.54 -18.71 -5.29
C PRO A 7 -18.41 -17.72 -4.98
N LYS A 8 -18.57 -16.47 -5.38
CA LYS A 8 -17.53 -15.48 -5.11
C LYS A 8 -18.09 -14.31 -4.31
N ARG A 9 -17.26 -13.76 -3.46
CA ARG A 9 -17.67 -12.67 -2.58
C ARG A 9 -18.17 -11.47 -3.36
N ASP A 10 -19.11 -10.74 -2.76
CA ASP A 10 -19.58 -9.48 -3.31
C ASP A 10 -18.46 -8.46 -3.27
N ASP A 11 -18.06 -7.97 -4.45
CA ASP A 11 -16.94 -7.04 -4.54
C ASP A 11 -17.39 -5.62 -4.83
N SER A 12 -18.69 -5.38 -4.80
CA SER A 12 -19.25 -4.10 -5.22
C SER A 12 -18.79 -2.93 -4.37
N LYS A 13 -18.45 -3.19 -3.10
CA LYS A 13 -18.02 -2.13 -2.19
C LYS A 13 -16.50 -1.98 -2.12
N ASP A 14 -15.76 -2.82 -2.84
CA ASP A 14 -14.30 -2.89 -2.68
C ASP A 14 -13.56 -1.59 -2.99
N LEU A 15 -13.98 -0.89 -4.04
CA LEU A 15 -13.35 0.37 -4.40
C LEU A 15 -13.51 1.40 -3.30
N ALA A 16 -14.75 1.57 -2.84
CA ALA A 16 -15.05 2.46 -1.73
C ALA A 16 -14.22 2.11 -0.48
N LEU A 17 -14.16 0.83 -0.15
CA LEU A 17 -13.48 0.40 1.07
C LEU A 17 -11.97 0.60 0.98
N CYS A 18 -11.38 0.28 -0.16
CA CYS A 18 -9.95 0.52 -0.36
C CYS A 18 -9.62 2.00 -0.27
N SER A 19 -10.49 2.85 -0.83
CA SER A 19 -10.29 4.30 -0.75
C SER A 19 -10.34 4.76 0.72
N MET A 20 -11.31 4.25 1.47
CA MET A 20 -11.43 4.55 2.89
C MET A 20 -10.15 4.17 3.63
N ILE A 21 -9.70 2.93 3.41
CA ILE A 21 -8.46 2.45 4.03
C ILE A 21 -7.28 3.32 3.63
N LEU A 22 -7.22 3.70 2.36
CA LEU A 22 -6.10 4.51 1.90
C LEU A 22 -6.12 5.88 2.55
N THR A 23 -7.32 6.43 2.75
CA THR A 23 -7.46 7.72 3.42
C THR A 23 -6.95 7.64 4.87
N GLU A 24 -7.25 6.54 5.54
CA GLU A 24 -6.78 6.36 6.92
C GLU A 24 -5.26 6.25 6.96
N MET A 25 -4.69 5.62 5.95
CA MET A 25 -3.23 5.52 5.81
CA MET A 25 -3.23 5.52 5.89
C MET A 25 -2.61 6.90 5.64
N GLU A 26 -3.17 7.64 4.69
CA GLU A 26 -2.70 8.97 4.33
C GLU A 26 -2.71 9.94 5.52
N THR A 27 -3.63 9.75 6.45
CA THR A 27 -3.80 10.70 7.54
C THR A 27 -3.10 10.24 8.82
N HIS A 28 -2.51 9.04 8.80
CA HIS A 28 -1.72 8.54 9.91
C HIS A 28 -0.51 9.45 10.12
N GLU A 29 -0.18 9.77 11.36
CA GLU A 29 0.92 10.70 11.60
C GLU A 29 2.25 10.14 11.10
N ASP A 30 2.38 8.83 10.99
CA ASP A 30 3.61 8.23 10.48
C ASP A 30 3.55 8.01 8.97
N ALA A 31 2.58 8.63 8.29
CA ALA A 31 2.49 8.45 6.83
C ALA A 31 3.50 9.29 6.05
N TRP A 32 4.10 10.29 6.70
CA TRP A 32 4.92 11.27 5.99
C TRP A 32 6.03 10.71 5.09
N PRO A 33 6.66 9.56 5.46
CA PRO A 33 7.71 9.17 4.50
C PRO A 33 7.16 8.61 3.18
N PHE A 34 5.85 8.35 3.14
CA PHE A 34 5.27 7.56 2.04
C PHE A 34 4.23 8.30 1.23
N LEU A 35 4.04 9.58 1.50
CA LEU A 35 2.96 10.32 0.90
C LEU A 35 3.23 10.60 -0.57
N LEU A 36 4.50 10.84 -0.89
CA LEU A 36 4.93 11.19 -2.25
C LEU A 36 6.04 10.25 -2.70
N PRO A 37 6.26 10.13 -4.01
CA PRO A 37 7.36 9.27 -4.48
C PRO A 37 8.69 9.67 -3.84
N VAL A 38 9.53 8.69 -3.54
CA VAL A 38 10.88 9.03 -3.11
C VAL A 38 11.53 9.88 -4.18
N ASN A 39 12.05 11.02 -3.75
CA ASN A 39 12.75 11.94 -4.64
C ASN A 39 14.05 11.30 -5.12
N LEU A 40 14.06 10.87 -6.38
CA LEU A 40 15.14 10.06 -6.93
C LEU A 40 16.42 10.85 -7.11
N LYS A 41 16.35 12.16 -6.96
CA LYS A 41 17.54 12.99 -7.11
C LYS A 41 17.95 13.60 -5.77
N LEU A 42 17.18 13.29 -4.74
CA LEU A 42 17.46 13.78 -3.39
C LEU A 42 17.97 12.62 -2.55
N VAL A 43 17.62 11.41 -2.95
CA VAL A 43 17.94 10.23 -2.16
C VAL A 43 18.87 9.33 -2.95
N PRO A 44 20.18 9.38 -2.60
CA PRO A 44 21.26 8.61 -3.22
C PRO A 44 20.99 7.11 -3.20
N GLY A 45 20.99 6.51 -4.39
CA GLY A 45 20.95 5.07 -4.51
C GLY A 45 19.56 4.51 -4.77
N TYR A 46 18.53 5.31 -4.53
CA TYR A 46 17.19 4.74 -4.51
C TYR A 46 16.78 4.12 -5.85
N LYS A 47 17.07 4.83 -6.93
CA LYS A 47 16.66 4.41 -8.27
C LYS A 47 17.27 3.06 -8.67
N LYS A 48 18.56 2.89 -8.40
CA LYS A 48 19.25 1.66 -8.77
C LYS A 48 18.82 0.46 -7.93
N VAL A 49 18.61 0.71 -6.65
CA VAL A 49 18.37 -0.35 -5.66
C VAL A 49 16.91 -0.81 -5.64
N ILE A 50 15.97 0.13 -5.76
CA ILE A 50 14.55 -0.20 -5.63
C ILE A 50 13.92 -0.32 -7.02
N LYS A 51 13.64 -1.55 -7.43
CA LYS A 51 13.18 -1.82 -8.79
C LYS A 51 11.78 -1.28 -9.07
N LYS A 52 10.90 -1.34 -8.07
CA LYS A 52 9.53 -0.87 -8.24
C LYS A 52 9.12 0.08 -7.12
N PRO A 53 9.43 1.38 -7.28
CA PRO A 53 9.02 2.41 -6.32
C PRO A 53 7.52 2.48 -6.21
N MET A 54 7.04 2.75 -5.01
CA MET A 54 5.61 2.95 -4.81
C MET A 54 5.40 3.86 -3.61
N ASP A 55 4.32 4.62 -3.63
CA ASP A 55 3.99 5.57 -2.56
C ASP A 55 2.49 5.76 -2.54
N PHE A 56 1.98 6.38 -1.49
CA PHE A 56 0.53 6.51 -1.34
C PHE A 56 -0.12 7.37 -2.44
N SER A 57 0.56 8.42 -2.89
CA SER A 57 -0.04 9.30 -3.89
C SER A 57 -0.21 8.55 -5.23
N THR A 58 0.72 7.65 -5.51
CA THR A 58 0.66 6.85 -6.74
C THR A 58 -0.46 5.82 -6.63
N ILE A 59 -0.59 5.21 -5.46
CA ILE A 59 -1.69 4.28 -5.23
C ILE A 59 -3.03 4.99 -5.35
N ARG A 60 -3.10 6.20 -4.83
CA ARG A 60 -4.33 6.98 -4.86
C ARG A 60 -4.70 7.30 -6.30
N GLU A 61 -3.70 7.66 -7.09
CA GLU A 61 -3.91 7.96 -8.52
C GLU A 61 -4.41 6.73 -9.27
N LYS A 62 -3.76 5.59 -9.06
CA LYS A 62 -4.18 4.35 -9.71
C LYS A 62 -5.59 3.94 -9.27
N LEU A 63 -5.88 4.11 -7.98
CA LEU A 63 -7.20 3.75 -7.47
C LEU A 63 -8.29 4.63 -8.11
N SER A 64 -7.97 5.91 -8.28
CA SER A 64 -8.97 6.88 -8.77
C SER A 64 -9.16 6.82 -10.28
N SER A 65 -8.31 6.05 -10.96
CA SER A 65 -8.32 5.99 -12.42
C SER A 65 -8.49 4.54 -12.91
N GLY A 66 -8.99 3.67 -12.03
CA GLY A 66 -9.37 2.32 -12.44
C GLY A 66 -8.23 1.39 -12.80
N GLN A 67 -7.06 1.61 -12.21
CA GLN A 67 -5.89 0.82 -12.56
C GLN A 67 -5.64 -0.38 -11.63
N TYR A 68 -6.51 -0.60 -10.64
CA TYR A 68 -6.50 -1.84 -9.89
C TYR A 68 -7.65 -2.74 -10.33
N PRO A 69 -7.31 -3.92 -10.88
CA PRO A 69 -8.32 -4.89 -11.33
C PRO A 69 -9.15 -5.44 -10.18
N ASN A 70 -8.53 -5.56 -9.00
CA ASN A 70 -9.17 -6.18 -7.84
C ASN A 70 -8.48 -5.75 -6.55
N LEU A 71 -9.07 -6.05 -5.39
CA LEU A 71 -8.49 -5.54 -4.15
C LEU A 71 -7.11 -6.14 -3.87
N GLU A 72 -6.86 -7.34 -4.39
CA GLU A 72 -5.58 -7.98 -4.11
CA GLU A 72 -5.58 -8.01 -4.17
C GLU A 72 -4.42 -7.23 -4.79
N THR A 73 -4.66 -6.67 -5.98
CA THR A 73 -3.62 -5.88 -6.63
C THR A 73 -3.39 -4.57 -5.89
N PHE A 74 -4.45 -4.03 -5.29
CA PHE A 74 -4.32 -2.85 -4.43
C PHE A 74 -3.42 -3.20 -3.23
N ALA A 75 -3.73 -4.30 -2.55
CA ALA A 75 -2.92 -4.72 -1.40
C ALA A 75 -1.46 -4.96 -1.78
N LEU A 76 -1.24 -5.46 -3.00
CA LEU A 76 0.13 -5.68 -3.48
C LEU A 76 0.93 -4.38 -3.49
N ASP A 77 0.32 -3.31 -3.98
CA ASP A 77 1.01 -2.02 -4.08
C ASP A 77 1.24 -1.43 -2.69
N VAL A 78 0.26 -1.57 -1.80
CA VAL A 78 0.45 -1.04 -0.44
C VAL A 78 1.63 -1.76 0.23
N ARG A 79 1.65 -3.09 0.13
CA ARG A 79 2.72 -3.87 0.77
C ARG A 79 4.07 -3.54 0.14
N LEU A 80 4.04 -3.26 -1.16
CA LEU A 80 5.25 -2.88 -1.88
C LEU A 80 5.89 -1.63 -1.28
N VAL A 81 5.06 -0.68 -0.87
CA VAL A 81 5.54 0.51 -0.18
C VAL A 81 6.40 0.13 1.03
N PHE A 82 5.88 -0.79 1.84
CA PHE A 82 6.57 -1.14 3.09
C PHE A 82 7.73 -2.10 2.86
N ASP A 83 7.61 -2.94 1.84
CA ASP A 83 8.72 -3.82 1.45
C ASP A 83 9.90 -3.01 0.96
N ASN A 84 9.64 -2.02 0.10
CA ASN A 84 10.70 -1.10 -0.33
C ASN A 84 11.36 -0.42 0.86
N CYS A 85 10.52 0.06 1.77
CA CYS A 85 11.00 0.81 2.93
C CYS A 85 11.93 -0.06 3.76
N GLU A 86 11.58 -1.34 3.90
CA GLU A 86 12.38 -2.24 4.73
C GLU A 86 13.69 -2.58 4.04
N THR A 87 13.66 -2.62 2.71
CA THR A 87 14.88 -2.84 1.92
C THR A 87 15.88 -1.70 2.12
N PHE A 88 15.37 -0.47 2.17
CA PHE A 88 16.25 0.69 2.09
C PHE A 88 16.60 1.33 3.43
N ASN A 89 15.78 1.09 4.44
CA ASN A 89 15.96 1.76 5.72
C ASN A 89 16.22 0.79 6.86
N GLU A 90 17.07 1.20 7.79
CA GLU A 90 17.28 0.46 9.01
C GLU A 90 16.00 0.39 9.84
N ASP A 91 15.76 -0.75 10.48
CA ASP A 91 14.54 -0.97 11.27
C ASP A 91 14.28 0.09 12.34
N ASP A 92 15.32 0.59 12.99
CA ASP A 92 15.13 1.54 14.08
CA ASP A 92 15.12 1.54 14.08
C ASP A 92 15.32 2.99 13.65
N SER A 93 15.56 3.21 12.36
CA SER A 93 15.59 4.56 11.83
C SER A 93 14.16 5.10 11.87
N ASP A 94 14.01 6.43 11.85
CA ASP A 94 12.67 7.02 11.89
C ASP A 94 11.80 6.51 10.77
N ILE A 95 12.35 6.48 9.57
CA ILE A 95 11.59 6.03 8.40
C ILE A 95 11.33 4.53 8.45
N GLY A 96 12.34 3.78 8.86
CA GLY A 96 12.20 2.34 9.00
C GLY A 96 11.10 1.95 10.00
N ARG A 97 11.10 2.57 11.16
CA ARG A 97 10.09 2.25 12.16
C ARG A 97 8.71 2.71 11.68
N ALA A 98 8.68 3.83 10.96
CA ALA A 98 7.44 4.33 10.39
C ALA A 98 6.83 3.27 9.46
N GLY A 99 7.68 2.66 8.66
CA GLY A 99 7.25 1.61 7.75
C GLY A 99 6.64 0.43 8.50
N HIS A 100 7.34 -0.07 9.51
CA HIS A 100 6.79 -1.17 10.29
C HIS A 100 5.46 -0.80 10.92
N ASN A 101 5.35 0.41 11.47
CA ASN A 101 4.11 0.86 12.08
C ASN A 101 2.97 0.90 11.06
N MET A 102 3.25 1.49 9.90
CA MET A 102 2.24 1.61 8.85
C MET A 102 1.83 0.27 8.27
N ARG A 103 2.77 -0.67 8.18
CA ARG A 103 2.41 -2.00 7.71
C ARG A 103 1.44 -2.67 8.68
N LYS A 104 1.74 -2.61 9.98
CA LYS A 104 0.86 -3.21 10.96
C LYS A 104 -0.51 -2.55 10.89
N TYR A 105 -0.50 -1.23 10.78
CA TYR A 105 -1.73 -0.46 10.74
C TYR A 105 -2.59 -0.89 9.54
N PHE A 106 -1.94 -1.10 8.40
CA PHE A 106 -2.65 -1.53 7.19
C PHE A 106 -3.23 -2.93 7.34
N GLU A 107 -2.42 -3.86 7.83
CA GLU A 107 -2.85 -5.25 7.83
C GLU A 107 -4.03 -5.49 8.76
N LYS A 108 -4.13 -4.70 9.84
CA LYS A 108 -5.28 -4.85 10.72
C LYS A 108 -6.53 -4.33 10.03
N LYS A 109 -6.42 -3.17 9.39
CA LYS A 109 -7.56 -2.59 8.69
C LYS A 109 -7.98 -3.50 7.56
N TRP A 110 -7.01 -4.12 6.90
CA TRP A 110 -7.29 -5.04 5.82
C TRP A 110 -8.10 -6.24 6.31
N THR A 111 -7.61 -6.88 7.37
CA THR A 111 -8.31 -8.01 7.96
C THR A 111 -9.68 -7.62 8.49
N ASP A 112 -9.73 -6.50 9.19
CA ASP A 112 -10.98 -6.04 9.80
C ASP A 112 -12.04 -5.71 8.76
N THR A 113 -11.60 -5.23 7.61
CA THR A 113 -12.52 -4.78 6.57
C THR A 113 -13.02 -5.93 5.71
N PHE A 114 -12.12 -6.80 5.26
CA PHE A 114 -12.48 -7.76 4.23
C PHE A 114 -12.54 -9.22 4.68
N LYS A 115 -11.73 -9.58 5.67
CA LYS A 115 -11.69 -10.95 6.13
C LYS A 115 -12.78 -11.15 7.18
N VAL A 116 -13.97 -11.53 6.71
CA VAL A 116 -15.23 -11.51 7.46
C VAL A 116 -15.28 -10.36 8.46
#